data_6LFE
#
_entry.id   6LFE
#
_cell.length_a   49.665
_cell.length_b   53.298
_cell.length_c   80.786
_cell.angle_alpha   90.000
_cell.angle_beta   90.000
_cell.angle_gamma   90.000
#
_symmetry.space_group_name_H-M   'P 21 21 21'
#
loop_
_entity.id
_entity.type
_entity.pdbx_description
1 polymer 'Catechol O-methyltransferase'
2 non-polymer S-ADENOSYLMETHIONINE
3 non-polymer 3-(3,4-dihydroxy-5-nitrobenzylidene)pentane-2,4-dione
4 non-polymer 'MAGNESIUM ION'
5 non-polymer 'ISOPROPYL ALCOHOL'
6 non-polymer DI(HYDROXYETHYL)ETHER
7 water water
#
_entity_poly.entity_id   1
_entity_poly.type   'polypeptide(L)'
_entity_poly.pdbx_seq_one_letter_code
;GSMGDTKEQRILRYVQQNAKPGDPQSVLEAIDTYCTQKEWAMNVGDAKGQIMDAVIREYSPSLVLELGAYCGYSAVRMAR
LLQPGARLLTMEMNPDYAAITQQMLNFAGLQDKVTILNGASQDLIPQLKKKYDVDTLDMVFLDHWKDRYLPDTLLLEKCG
LLRKGTVLLADNVIVPGTPDFLAYVRGSSSFECTHYSSYLEYMKVVDGLEKAIYQGPSSPDKS
;
_entity_poly.pdbx_strand_id   A
#
loop_
_chem_comp.id
_chem_comp.type
_chem_comp.name
_chem_comp.formula
EAO non-polymer 3-(3,4-dihydroxy-5-nitrobenzylidene)pentane-2,4-dione 'C12 H11 N O6'
IPA non-polymer 'ISOPROPYL ALCOHOL' 'C3 H8 O'
MG non-polymer 'MAGNESIUM ION' 'Mg 2'
PEG non-polymer DI(HYDROXYETHYL)ETHER 'C4 H10 O3'
SAM non-polymer S-ADENOSYLMETHIONINE 'C15 H22 N6 O5 S'
#
# COMPACT_ATOMS: atom_id res chain seq x y z
N ASP A 5 22.62 -4.59 12.87
CA ASP A 5 21.62 -4.49 11.82
C ASP A 5 20.50 -3.50 12.19
N THR A 6 19.53 -3.38 11.31
CA THR A 6 18.42 -2.45 11.48
C THR A 6 17.17 -3.21 11.89
N LYS A 7 16.16 -2.45 12.35
CA LYS A 7 14.87 -3.06 12.68
C LYS A 7 14.29 -3.78 11.47
N GLU A 8 14.46 -3.21 10.28
CA GLU A 8 13.87 -3.81 9.10
C GLU A 8 14.58 -5.11 8.73
N GLN A 9 15.89 -5.16 8.85
CA GLN A 9 16.60 -6.43 8.70
C GLN A 9 16.14 -7.47 9.72
N ARG A 10 15.88 -7.03 10.97
CA ARG A 10 15.42 -7.98 11.98
C ARG A 10 14.04 -8.52 11.65
N ILE A 11 13.16 -7.67 11.11
CA ILE A 11 11.83 -8.16 10.73
C ILE A 11 11.97 -9.21 9.63
N LEU A 12 12.79 -8.92 8.63
CA LEU A 12 12.98 -9.86 7.52
C LEU A 12 13.56 -11.17 8.02
N ARG A 13 14.61 -11.08 8.85
CA ARG A 13 15.18 -12.31 9.40
C ARG A 13 14.14 -13.11 10.19
N TYR A 14 13.28 -12.42 10.94
CA TYR A 14 12.28 -13.14 11.71
C TYR A 14 11.33 -13.89 10.79
N VAL A 15 10.92 -13.24 9.70
CA VAL A 15 10.05 -13.91 8.73
C VAL A 15 10.75 -15.14 8.17
N GLN A 16 12.01 -14.97 7.73
CA GLN A 16 12.74 -16.08 7.15
C GLN A 16 12.82 -17.28 8.09
N GLN A 17 12.79 -17.02 9.39
CA GLN A 17 13.00 -18.09 10.37
C GLN A 17 11.70 -18.53 11.06
N ASN A 18 10.57 -17.87 10.76
CA ASN A 18 9.32 -18.19 11.43
C ASN A 18 8.14 -18.27 10.47
N ALA A 19 8.38 -18.23 9.17
CA ALA A 19 7.32 -18.42 8.19
C ALA A 19 7.73 -19.51 7.21
N LYS A 20 6.78 -19.90 6.35
CA LYS A 20 7.04 -20.94 5.36
C LYS A 20 7.21 -20.30 4.00
N PRO A 21 8.29 -20.59 3.29
CA PRO A 21 8.49 -20.01 1.96
C PRO A 21 7.30 -20.32 1.05
N GLY A 22 6.88 -19.31 0.29
CA GLY A 22 5.75 -19.45 -0.60
C GLY A 22 4.39 -19.39 0.07
N ASP A 23 4.32 -19.03 1.34
CA ASP A 23 3.07 -19.03 2.10
C ASP A 23 2.85 -17.61 2.61
N PRO A 24 2.17 -16.75 1.84
CA PRO A 24 2.02 -15.35 2.24
C PRO A 24 1.33 -15.18 3.59
N GLN A 25 0.32 -15.99 3.89
CA GLN A 25 -0.34 -15.84 5.19
C GLN A 25 0.65 -16.02 6.32
N SER A 26 1.58 -17.00 6.21
CA SER A 26 2.52 -17.19 7.31
C SER A 26 3.51 -16.04 7.41
N VAL A 27 3.82 -15.39 6.27
CA VAL A 27 4.67 -14.21 6.28
C VAL A 27 3.98 -13.06 7.02
N LEU A 28 2.71 -12.81 6.71
CA LEU A 28 1.98 -11.75 7.42
C LEU A 28 1.93 -12.03 8.91
N GLU A 29 1.65 -13.28 9.28
CA GLU A 29 1.53 -13.64 10.69
C GLU A 29 2.86 -13.45 11.40
N ALA A 30 3.96 -13.78 10.73
CA ALA A 30 5.27 -13.62 11.36
C ALA A 30 5.60 -12.15 11.58
N ILE A 31 5.31 -11.29 10.60
CA ILE A 31 5.56 -9.87 10.78
C ILE A 31 4.72 -9.32 11.91
N ASP A 32 3.43 -9.69 11.92
CA ASP A 32 2.57 -9.13 12.96
C ASP A 32 2.98 -9.63 14.34
N THR A 33 3.43 -10.88 14.45
CA THR A 33 3.91 -11.35 15.75
C THR A 33 5.15 -10.60 16.18
N TYR A 34 6.13 -10.46 15.28
CA TYR A 34 7.35 -9.76 15.64
C TYR A 34 7.06 -8.33 16.07
N CYS A 35 6.17 -7.64 15.35
CA CYS A 35 5.95 -6.23 15.61
C CYS A 35 5.01 -6.02 16.79
N THR A 36 4.26 -7.05 17.18
CA THR A 36 3.49 -6.98 18.42
C THR A 36 4.34 -7.27 19.63
N GLN A 37 5.16 -8.27 19.53
CA GLN A 37 5.92 -8.69 20.67
C GLN A 37 7.30 -8.10 20.89
N LYS A 38 7.94 -7.70 19.82
CA LYS A 38 9.31 -7.24 19.90
C LYS A 38 9.61 -5.78 19.54
N GLU A 39 9.29 -5.37 18.32
CA GLU A 39 9.57 -4.01 17.88
C GLU A 39 8.40 -3.51 17.06
N TRP A 40 7.76 -2.43 17.53
CA TRP A 40 6.77 -1.74 16.69
C TRP A 40 7.36 -1.33 15.34
N ALA A 41 6.55 -1.44 14.28
CA ALA A 41 6.96 -0.92 12.99
C ALA A 41 5.73 -0.46 12.20
N MET A 42 5.95 0.41 11.21
CA MET A 42 4.85 1.11 10.51
C MET A 42 4.24 0.30 9.35
N ASN A 43 4.09 -1.02 9.51
CA ASN A 43 3.27 -1.81 8.58
C ASN A 43 1.79 -1.52 8.82
N VAL A 44 0.95 -1.69 7.79
CA VAL A 44 -0.46 -1.34 8.00
C VAL A 44 -1.10 -2.23 9.09
N GLY A 45 -0.58 -3.44 9.29
CA GLY A 45 -1.03 -4.28 10.38
C GLY A 45 -2.28 -5.06 10.05
N ASP A 46 -2.65 -5.95 10.99
CA ASP A 46 -3.72 -6.90 10.69
C ASP A 46 -5.12 -6.28 10.77
N ALA A 47 -5.36 -5.36 11.70
CA ALA A 47 -6.69 -4.77 11.82
C ALA A 47 -7.05 -3.96 10.58
N LYS A 48 -6.21 -3.00 10.23
CA LYS A 48 -6.44 -2.28 9.00
C LYS A 48 -6.22 -3.17 7.78
N GLY A 49 -5.31 -4.15 7.87
CA GLY A 49 -5.11 -5.06 6.75
C GLY A 49 -6.37 -5.84 6.40
N GLN A 50 -7.17 -6.19 7.41
CA GLN A 50 -8.42 -6.91 7.11
C GLN A 50 -9.38 -6.03 6.32
N ILE A 51 -9.38 -4.72 6.58
CA ILE A 51 -10.20 -3.81 5.80
C ILE A 51 -9.68 -3.73 4.38
N MET A 52 -8.38 -3.63 4.24
CA MET A 52 -7.84 -3.66 2.91
C MET A 52 -8.17 -4.95 2.18
N ASP A 53 -8.06 -6.06 2.86
CA ASP A 53 -8.41 -7.33 2.21
C ASP A 53 -9.83 -7.27 1.64
N ALA A 54 -10.76 -6.74 2.44
CA ALA A 54 -12.17 -6.68 2.03
C ALA A 54 -12.35 -5.77 0.82
N VAL A 55 -11.62 -4.65 0.80
CA VAL A 55 -11.66 -3.74 -0.35
C VAL A 55 -11.07 -4.41 -1.59
N ILE A 56 -9.91 -5.04 -1.48
CA ILE A 56 -9.29 -5.71 -2.62
C ILE A 56 -10.21 -6.76 -3.18
N ARG A 57 -10.72 -7.53 -2.28
CA ARG A 57 -11.73 -8.59 -2.75
C ARG A 57 -13.04 -8.04 -3.48
N GLU A 58 -13.45 -6.88 -2.97
CA GLU A 58 -14.64 -6.26 -3.58
C GLU A 58 -14.36 -5.80 -5.02
N TYR A 59 -13.20 -5.18 -5.23
CA TYR A 59 -12.90 -4.56 -6.51
C TYR A 59 -12.08 -5.43 -7.46
N SER A 60 -11.42 -6.49 -6.95
N SER A 60 -11.43 -6.49 -6.96
CA SER A 60 -10.57 -7.35 -7.77
CA SER A 60 -10.57 -7.36 -7.75
C SER A 60 -9.75 -6.56 -8.78
C SER A 60 -9.74 -6.57 -8.77
N PRO A 61 -8.94 -5.61 -8.33
CA PRO A 61 -8.25 -4.71 -9.27
C PRO A 61 -7.19 -5.47 -10.07
N SER A 62 -7.06 -5.09 -11.34
CA SER A 62 -6.06 -5.70 -12.22
C SER A 62 -4.71 -5.00 -12.15
N LEU A 63 -4.71 -3.72 -11.80
CA LEU A 63 -3.47 -2.96 -11.66
C LEU A 63 -3.59 -2.07 -10.43
N VAL A 64 -2.72 -2.31 -9.45
CA VAL A 64 -2.70 -1.57 -8.19
C VAL A 64 -1.38 -0.83 -8.12
N LEU A 65 -1.42 0.43 -7.69
CA LEU A 65 -0.23 1.20 -7.36
C LEU A 65 -0.19 1.38 -5.85
N GLU A 66 0.91 0.96 -5.23
CA GLU A 66 1.15 1.25 -3.81
C GLU A 66 2.20 2.36 -3.69
N LEU A 67 1.92 3.36 -2.86
CA LEU A 67 2.90 4.41 -2.55
C LEU A 67 3.43 4.15 -1.15
N GLY A 68 4.69 3.70 -1.08
CA GLY A 68 5.33 3.41 0.20
C GLY A 68 5.32 1.91 0.49
N ALA A 69 6.46 1.25 0.32
CA ALA A 69 6.52 -0.20 0.50
C ALA A 69 7.08 -0.64 1.86
N TYR A 70 8.02 0.12 2.41
CA TYR A 70 8.71 -0.21 3.67
C TYR A 70 9.30 -1.62 3.64
N CYS A 71 8.72 -2.59 4.36
CA CYS A 71 9.30 -3.92 4.41
C CYS A 71 8.53 -4.92 3.54
N GLY A 72 7.45 -4.47 2.88
CA GLY A 72 6.72 -5.35 2.01
C GLY A 72 5.46 -5.94 2.60
N TYR A 73 5.10 -5.60 3.85
CA TYR A 73 3.92 -6.18 4.47
C TYR A 73 2.65 -5.91 3.66
N SER A 74 2.37 -4.65 3.32
CA SER A 74 1.13 -4.40 2.58
C SER A 74 1.20 -4.92 1.15
N ALA A 75 2.40 -4.94 0.52
CA ALA A 75 2.52 -5.54 -0.80
C ALA A 75 2.19 -7.03 -0.75
N VAL A 76 2.72 -7.76 0.24
CA VAL A 76 2.34 -9.17 0.42
C VAL A 76 0.83 -9.28 0.67
N ARG A 77 0.30 -8.45 1.55
CA ARG A 77 -1.14 -8.49 1.85
C ARG A 77 -1.97 -8.33 0.59
N MET A 78 -1.65 -7.33 -0.23
CA MET A 78 -2.47 -7.13 -1.42
C MET A 78 -2.18 -8.17 -2.50
N ALA A 79 -0.89 -8.44 -2.76
CA ALA A 79 -0.57 -9.32 -3.88
C ALA A 79 -1.10 -10.74 -3.70
N ARG A 80 -1.23 -11.20 -2.44
CA ARG A 80 -1.73 -12.55 -2.21
C ARG A 80 -3.19 -12.69 -2.62
N LEU A 81 -3.91 -11.59 -2.77
CA LEU A 81 -5.33 -11.61 -3.11
C LEU A 81 -5.58 -11.21 -4.55
N LEU A 82 -4.53 -10.83 -5.29
CA LEU A 82 -4.68 -10.49 -6.70
C LEU A 82 -4.98 -11.73 -7.53
N GLN A 83 -5.80 -11.54 -8.53
CA GLN A 83 -6.15 -12.60 -9.47
C GLN A 83 -4.98 -12.90 -10.39
N PRO A 84 -4.95 -14.08 -10.99
CA PRO A 84 -3.81 -14.41 -11.86
C PRO A 84 -3.64 -13.37 -12.96
N GLY A 85 -2.42 -12.90 -13.14
CA GLY A 85 -2.20 -11.90 -14.16
C GLY A 85 -2.45 -10.46 -13.75
N ALA A 86 -3.07 -10.24 -12.60
CA ALA A 86 -3.11 -8.89 -12.01
C ALA A 86 -1.72 -8.52 -11.51
N ARG A 87 -1.46 -7.21 -11.36
CA ARG A 87 -0.18 -6.76 -10.93
C ARG A 87 -0.20 -5.61 -9.94
N LEU A 88 0.84 -5.61 -9.15
CA LEU A 88 1.04 -4.53 -8.19
C LEU A 88 2.35 -3.83 -8.51
N LEU A 89 2.30 -2.50 -8.63
CA LEU A 89 3.49 -1.67 -8.70
C LEU A 89 3.63 -0.99 -7.36
N THR A 90 4.83 -1.04 -6.76
CA THR A 90 4.98 -0.35 -5.48
C THR A 90 6.19 0.57 -5.54
N MET A 91 6.00 1.81 -5.12
CA MET A 91 7.05 2.82 -5.18
C MET A 91 7.65 2.99 -3.79
N GLU A 92 8.99 2.95 -3.71
CA GLU A 92 9.66 3.07 -2.42
C GLU A 92 10.97 3.82 -2.65
N MET A 93 11.11 4.99 -2.02
CA MET A 93 12.29 5.82 -2.30
C MET A 93 13.52 5.44 -1.47
N ASN A 94 13.35 4.66 -0.40
CA ASN A 94 14.48 4.33 0.46
C ASN A 94 15.07 3.01 -0.04
N PRO A 95 16.30 2.99 -0.55
CA PRO A 95 16.82 1.77 -1.16
C PRO A 95 17.00 0.63 -0.17
N ASP A 96 17.31 0.93 1.09
CA ASP A 96 17.41 -0.16 2.07
C ASP A 96 16.07 -0.85 2.24
N TYR A 97 14.98 -0.07 2.28
CA TYR A 97 13.65 -0.65 2.39
C TYR A 97 13.24 -1.37 1.12
N ALA A 98 13.55 -0.79 -0.04
CA ALA A 98 13.22 -1.48 -1.29
C ALA A 98 13.88 -2.85 -1.34
N ALA A 99 15.11 -2.96 -0.84
CA ALA A 99 15.81 -4.24 -0.84
C ALA A 99 15.14 -5.22 0.12
N ILE A 100 14.68 -4.74 1.28
CA ILE A 100 13.94 -5.62 2.19
C ILE A 100 12.65 -6.09 1.53
N THR A 101 11.92 -5.15 0.93
CA THR A 101 10.64 -5.49 0.30
C THR A 101 10.81 -6.57 -0.76
N GLN A 102 11.84 -6.44 -1.61
CA GLN A 102 12.06 -7.47 -2.64
C GLN A 102 12.27 -8.85 -2.00
N GLN A 103 13.08 -8.90 -0.95
CA GLN A 103 13.34 -10.19 -0.31
C GLN A 103 12.09 -10.74 0.37
N MET A 104 11.25 -9.85 0.91
CA MET A 104 10.02 -10.29 1.54
C MET A 104 9.09 -10.91 0.50
N LEU A 105 8.91 -10.20 -0.63
CA LEU A 105 8.08 -10.72 -1.71
C LEU A 105 8.62 -12.04 -2.26
N ASN A 106 9.94 -12.12 -2.48
CA ASN A 106 10.54 -13.39 -2.91
C ASN A 106 10.21 -14.50 -1.93
N PHE A 107 10.35 -14.23 -0.62
CA PHE A 107 10.12 -15.30 0.34
C PHE A 107 8.68 -15.76 0.30
N ALA A 108 7.76 -14.81 0.14
CA ALA A 108 6.34 -15.13 0.08
C ALA A 108 5.95 -15.79 -1.23
N GLY A 109 6.83 -15.78 -2.24
CA GLY A 109 6.52 -16.37 -3.52
C GLY A 109 5.65 -15.51 -4.41
N LEU A 110 5.61 -14.19 -4.16
CA LEU A 110 4.74 -13.26 -4.87
C LEU A 110 5.49 -12.35 -5.84
N GLN A 111 6.78 -12.59 -6.06
CA GLN A 111 7.57 -11.63 -6.81
C GLN A 111 7.13 -11.50 -8.26
N ASP A 112 6.46 -12.51 -8.82
CA ASP A 112 6.05 -12.37 -10.21
C ASP A 112 4.82 -11.47 -10.37
N LYS A 113 4.20 -11.09 -9.28
CA LYS A 113 3.06 -10.23 -9.34
C LYS A 113 3.36 -8.79 -8.99
N VAL A 114 4.54 -8.53 -8.51
CA VAL A 114 4.86 -7.22 -7.97
C VAL A 114 6.10 -6.70 -8.66
N THR A 115 6.10 -5.41 -8.98
CA THR A 115 7.28 -4.70 -9.47
C THR A 115 7.59 -3.58 -8.48
N ILE A 116 8.79 -3.59 -7.91
CA ILE A 116 9.23 -2.51 -7.04
C ILE A 116 9.89 -1.44 -7.88
N LEU A 117 9.48 -0.21 -7.68
CA LEU A 117 10.08 0.95 -8.35
C LEU A 117 10.82 1.74 -7.27
N ASN A 118 12.12 1.70 -7.37
CA ASN A 118 13.01 2.53 -6.38
C ASN A 118 13.26 3.97 -6.69
N GLY A 119 12.40 4.75 -6.08
CA GLY A 119 12.47 6.17 -6.35
C GLY A 119 11.32 6.84 -5.64
N ALA A 120 11.29 8.16 -5.78
CA ALA A 120 10.26 8.99 -5.17
C ALA A 120 9.03 9.02 -6.06
N SER A 121 7.85 8.88 -5.43
CA SER A 121 6.60 8.85 -6.17
C SER A 121 6.42 10.09 -7.05
N GLN A 122 6.83 11.28 -6.58
CA GLN A 122 6.64 12.48 -7.40
C GLN A 122 7.50 12.43 -8.67
N ASP A 123 8.63 11.69 -8.65
CA ASP A 123 9.46 11.52 -9.83
C ASP A 123 8.99 10.37 -10.71
N LEU A 124 8.46 9.30 -10.11
CA LEU A 124 8.10 8.09 -10.84
C LEU A 124 6.70 8.14 -11.44
N ILE A 125 5.74 8.76 -10.75
CA ILE A 125 4.36 8.81 -11.27
C ILE A 125 4.32 9.38 -12.68
N PRO A 126 5.00 10.48 -13.00
CA PRO A 126 4.96 11.01 -14.38
C PRO A 126 5.55 10.07 -15.41
N GLN A 127 6.28 9.03 -15.01
CA GLN A 127 6.89 8.08 -15.94
C GLN A 127 6.08 6.80 -16.12
N LEU A 128 4.97 6.62 -15.38
CA LEU A 128 4.27 5.34 -15.43
C LEU A 128 3.75 5.01 -16.83
N LYS A 129 3.15 5.98 -17.53
CA LYS A 129 2.56 5.65 -18.83
C LYS A 129 3.63 5.27 -19.85
N LYS A 130 4.72 6.01 -19.88
CA LYS A 130 5.69 5.82 -20.96
C LYS A 130 6.71 4.75 -20.65
N LYS A 131 7.18 4.73 -19.43
CA LYS A 131 8.23 3.82 -19.06
C LYS A 131 7.71 2.50 -18.52
N TYR A 132 6.54 2.49 -17.89
CA TYR A 132 6.05 1.26 -17.27
C TYR A 132 4.76 0.75 -17.90
N ASP A 133 4.37 1.30 -19.06
CA ASP A 133 3.26 0.77 -19.88
C ASP A 133 1.93 0.73 -19.11
N VAL A 134 1.66 1.76 -18.33
CA VAL A 134 0.39 1.88 -17.62
C VAL A 134 -0.59 2.67 -18.49
N ASP A 135 -1.87 2.24 -18.50
CA ASP A 135 -2.93 3.06 -19.06
C ASP A 135 -3.56 3.84 -17.91
N THR A 136 -4.47 3.23 -17.18
CA THR A 136 -5.01 3.80 -15.95
C THR A 136 -4.89 2.80 -14.82
N LEU A 137 -4.99 3.31 -13.60
CA LEU A 137 -4.88 2.47 -12.42
C LEU A 137 -6.27 2.06 -11.96
N ASP A 138 -6.39 0.83 -11.45
CA ASP A 138 -7.65 0.42 -10.84
C ASP A 138 -7.74 0.77 -9.37
N MET A 139 -6.65 0.79 -8.75
CA MET A 139 -6.64 1.05 -7.28
C MET A 139 -5.16 1.65 -6.84
N VAL A 140 -5.25 2.58 -5.91
CA VAL A 140 -4.02 3.18 -5.39
C VAL A 140 -4.08 3.04 -3.87
N PHE A 141 -3.03 2.48 -3.27
CA PHE A 141 -2.90 2.47 -1.83
C PHE A 141 -1.88 3.54 -1.43
N LEU A 142 -2.35 4.60 -0.75
CA LEU A 142 -1.49 5.69 -0.31
C LEU A 142 -1.04 5.41 1.12
N ASP A 143 0.26 5.23 1.29
CA ASP A 143 0.79 4.91 2.61
C ASP A 143 2.23 5.35 2.72
N HIS A 144 2.56 6.50 2.11
CA HIS A 144 3.91 7.04 2.21
C HIS A 144 3.87 8.24 3.16
N TRP A 145 4.77 9.22 3.00
CA TRP A 145 4.74 10.30 3.98
C TRP A 145 3.46 11.11 3.80
N LYS A 146 2.85 11.48 4.93
CA LYS A 146 1.46 11.93 4.85
C LYS A 146 1.32 13.25 4.11
N ASP A 147 2.38 14.09 4.08
CA ASP A 147 2.28 15.33 3.33
C ASP A 147 2.30 15.11 1.83
N ARG A 148 2.52 13.88 1.36
CA ARG A 148 2.49 13.59 -0.07
C ARG A 148 1.15 13.09 -0.58
N TYR A 149 0.19 12.75 0.31
CA TYR A 149 -1.05 12.14 -0.17
C TYR A 149 -1.79 13.07 -1.13
N LEU A 150 -1.97 14.33 -0.73
CA LEU A 150 -2.67 15.26 -1.62
C LEU A 150 -1.85 15.61 -2.85
N PRO A 151 -0.59 16.01 -2.74
CA PRO A 151 0.16 16.29 -3.98
C PRO A 151 0.18 15.10 -4.95
N ASP A 152 0.35 13.87 -4.45
CA ASP A 152 0.42 12.76 -5.40
C ASP A 152 -0.95 12.40 -5.96
N THR A 153 -2.04 12.59 -5.19
CA THR A 153 -3.38 12.39 -5.76
C THR A 153 -3.59 13.35 -6.93
N LEU A 154 -3.23 14.62 -6.72
CA LEU A 154 -3.40 15.60 -7.80
C LEU A 154 -2.49 15.28 -8.99
N LEU A 155 -1.28 14.76 -8.70
CA LEU A 155 -0.36 14.39 -9.78
C LEU A 155 -0.89 13.19 -10.56
N LEU A 156 -1.42 12.17 -9.86
CA LEU A 156 -2.03 11.05 -10.58
C LEU A 156 -3.15 11.53 -11.50
N GLU A 157 -3.95 12.50 -11.02
CA GLU A 157 -5.01 13.04 -11.86
C GLU A 157 -4.44 13.75 -13.08
N LYS A 158 -3.41 14.59 -12.86
CA LYS A 158 -2.83 15.36 -13.95
C LYS A 158 -2.28 14.45 -15.03
N CYS A 159 -1.67 13.35 -14.62
CA CYS A 159 -1.00 12.41 -15.49
C CYS A 159 -1.98 11.48 -16.20
N GLY A 160 -3.28 11.62 -15.95
CA GLY A 160 -4.26 10.81 -16.66
C GLY A 160 -4.33 9.38 -16.18
N LEU A 161 -3.89 9.12 -14.95
CA LEU A 161 -3.77 7.76 -14.44
C LEU A 161 -5.02 7.28 -13.71
N LEU A 162 -5.94 8.20 -13.40
CA LEU A 162 -7.20 7.86 -12.74
C LEU A 162 -8.31 7.80 -13.77
N ARG A 163 -9.20 6.83 -13.60
CA ARG A 163 -10.38 6.71 -14.43
C ARG A 163 -11.59 6.68 -13.51
N LYS A 164 -12.79 6.81 -14.05
N LYS A 164 -12.78 6.82 -14.03
CA LYS A 164 -13.99 6.72 -13.27
C LYS A 164 -13.98 5.38 -12.58
C LYS A 164 -13.98 5.38 -12.58
N GLY A 165 -14.10 5.43 -11.27
CA GLY A 165 -14.12 4.24 -10.43
C GLY A 165 -12.79 3.84 -9.85
N THR A 166 -11.69 4.49 -10.22
CA THR A 166 -10.42 4.17 -9.56
C THR A 166 -10.55 4.36 -8.04
N VAL A 167 -10.12 3.35 -7.30
CA VAL A 167 -10.21 3.37 -5.84
C VAL A 167 -8.91 3.91 -5.26
N LEU A 168 -8.99 4.99 -4.49
CA LEU A 168 -7.86 5.44 -3.67
C LEU A 168 -8.13 4.97 -2.26
N LEU A 169 -7.18 4.26 -1.66
CA LEU A 169 -7.34 3.80 -0.28
C LEU A 169 -6.16 4.36 0.51
N ALA A 170 -6.45 5.20 1.50
CA ALA A 170 -5.43 5.97 2.20
C ALA A 170 -5.30 5.48 3.63
N ASP A 171 -4.09 5.07 4.00
CA ASP A 171 -3.84 4.72 5.41
C ASP A 171 -3.64 5.97 6.28
N ASN A 172 -3.83 5.81 7.56
CA ASN A 172 -3.45 6.80 8.56
C ASN A 172 -4.14 8.15 8.48
N VAL A 173 -5.38 8.14 8.10
CA VAL A 173 -6.00 9.46 7.98
C VAL A 173 -6.34 10.05 9.34
N ILE A 174 -6.21 9.28 10.42
CA ILE A 174 -6.34 9.82 11.79
C ILE A 174 -4.98 10.01 12.47
N VAL A 175 -4.17 8.94 12.49
CA VAL A 175 -2.85 8.96 13.11
C VAL A 175 -1.87 8.36 12.10
N PRO A 176 -0.84 9.10 11.67
CA PRO A 176 -0.51 10.48 12.00
C PRO A 176 -1.52 11.52 11.50
N GLY A 177 -2.35 11.14 10.54
CA GLY A 177 -3.32 12.09 10.01
C GLY A 177 -2.85 12.66 8.69
N THR A 178 -3.82 12.94 7.90
CA THR A 178 -3.55 13.58 6.51
C THR A 178 -4.59 14.75 6.17
N PRO A 179 -4.53 15.76 7.04
CA PRO A 179 -5.68 16.68 7.06
C PRO A 179 -5.96 17.35 5.72
N ASP A 180 -4.93 17.73 4.96
CA ASP A 180 -5.23 18.40 3.69
C ASP A 180 -5.84 17.43 2.69
N PHE A 181 -5.26 16.23 2.57
CA PHE A 181 -5.85 15.19 1.70
C PHE A 181 -7.29 14.91 2.07
N LEU A 182 -7.55 14.69 3.37
CA LEU A 182 -8.89 14.32 3.79
C LEU A 182 -9.90 15.42 3.52
N ALA A 183 -9.54 16.67 3.82
CA ALA A 183 -10.45 17.77 3.54
C ALA A 183 -10.69 17.90 2.04
N TYR A 184 -9.65 17.71 1.25
CA TYR A 184 -9.79 17.87 -0.20
C TYR A 184 -10.69 16.80 -0.80
N VAL A 185 -10.41 15.51 -0.51
CA VAL A 185 -11.22 14.51 -1.23
C VAL A 185 -12.65 14.53 -0.72
N ARG A 186 -12.87 14.78 0.58
CA ARG A 186 -14.24 14.80 1.12
C ARG A 186 -15.02 15.99 0.57
N GLY A 187 -14.34 17.10 0.27
CA GLY A 187 -15.02 18.27 -0.24
C GLY A 187 -15.19 18.30 -1.75
N SER A 188 -14.56 17.36 -2.46
CA SER A 188 -14.49 17.40 -3.93
C SER A 188 -15.58 16.55 -4.56
N SER A 189 -16.27 17.12 -5.54
CA SER A 189 -17.19 16.32 -6.34
C SER A 189 -16.46 15.29 -7.21
N SER A 190 -15.14 15.34 -7.30
CA SER A 190 -14.44 14.32 -8.09
C SER A 190 -14.18 13.05 -7.31
N PHE A 191 -14.53 12.99 -6.02
CA PHE A 191 -14.27 11.80 -5.21
C PHE A 191 -15.48 11.48 -4.35
N GLU A 192 -15.86 10.20 -4.30
CA GLU A 192 -16.87 9.74 -3.36
C GLU A 192 -16.16 9.01 -2.23
N CYS A 193 -16.32 9.51 -1.00
CA CYS A 193 -15.49 9.05 0.10
C CYS A 193 -16.27 8.27 1.14
N THR A 194 -15.56 7.33 1.75
CA THR A 194 -16.07 6.47 2.80
C THR A 194 -14.95 6.32 3.82
N HIS A 195 -15.27 6.42 5.11
CA HIS A 195 -14.27 6.29 6.18
C HIS A 195 -14.42 4.94 6.88
N TYR A 196 -13.29 4.26 7.11
CA TYR A 196 -13.27 2.94 7.75
C TYR A 196 -12.47 3.06 9.03
N SER A 197 -13.14 3.18 10.15
CA SER A 197 -12.52 3.34 11.45
C SER A 197 -11.82 2.07 11.90
N SER A 198 -10.63 2.19 12.45
CA SER A 198 -9.90 0.98 12.83
C SER A 198 -8.90 1.36 13.93
N TYR A 199 -7.75 0.69 13.92
CA TYR A 199 -6.73 0.91 14.94
C TYR A 199 -5.37 0.99 14.29
N LEU A 200 -4.55 1.89 14.82
CA LEU A 200 -3.14 1.96 14.44
C LEU A 200 -2.50 0.58 14.61
N GLU A 201 -1.65 0.22 13.66
CA GLU A 201 -0.97 -1.06 13.73
C GLU A 201 -0.31 -1.28 15.08
N TYR A 202 -0.59 -2.46 15.67
CA TYR A 202 0.03 -2.99 16.88
C TYR A 202 -0.25 -2.17 18.12
N MET A 203 -1.24 -1.25 18.09
CA MET A 203 -1.46 -0.37 19.22
C MET A 203 -2.94 -0.12 19.42
N LYS A 204 -3.35 0.08 20.67
CA LYS A 204 -4.76 0.42 20.94
C LYS A 204 -4.95 1.93 20.84
N VAL A 205 -4.88 2.39 19.59
CA VAL A 205 -4.99 3.79 19.21
C VAL A 205 -5.90 3.85 18.00
N VAL A 206 -6.92 4.71 18.05
CA VAL A 206 -7.85 4.78 16.92
C VAL A 206 -7.14 5.33 15.70
N ASP A 207 -7.32 4.66 14.56
CA ASP A 207 -6.88 5.20 13.27
C ASP A 207 -8.01 4.90 12.28
N GLY A 208 -7.73 5.11 11.00
CA GLY A 208 -8.73 4.76 10.01
C GLY A 208 -8.15 4.82 8.62
N LEU A 209 -8.85 4.17 7.69
CA LEU A 209 -8.57 4.30 6.26
C LEU A 209 -9.65 5.15 5.64
N GLU A 210 -9.28 5.91 4.61
CA GLU A 210 -10.28 6.58 3.79
C GLU A 210 -10.28 5.95 2.42
N LYS A 211 -11.47 5.60 1.93
CA LYS A 211 -11.62 5.17 0.54
C LYS A 211 -12.18 6.35 -0.24
N ALA A 212 -11.50 6.73 -1.32
CA ALA A 212 -11.97 7.83 -2.14
C ALA A 212 -12.03 7.33 -3.56
N ILE A 213 -13.24 7.14 -4.05
CA ILE A 213 -13.41 6.71 -5.43
C ILE A 213 -13.54 7.92 -6.54
N TYR A 214 -12.57 7.83 -7.44
CA TYR A 214 -12.52 8.92 -8.42
C TYR A 214 -13.73 8.89 -9.34
N GLN A 215 -14.31 10.07 -9.56
CA GLN A 215 -15.53 10.22 -10.35
C GLN A 215 -15.31 10.81 -11.73
N GLY A 216 -14.08 11.12 -12.11
CA GLY A 216 -13.84 11.82 -13.35
C GLY A 216 -13.67 13.30 -13.09
N PRO A 217 -13.22 14.04 -14.11
CA PRO A 217 -12.99 15.49 -13.99
C PRO A 217 -14.27 16.33 -14.05
N SAM B . 2.70 0.30 3.01
CA SAM B . 3.70 -0.27 3.91
C SAM B . 3.08 -1.41 4.72
O SAM B . 3.70 -2.45 4.87
OXT SAM B . 1.96 -1.25 5.20
CB SAM B . 4.31 0.74 4.88
CG SAM B . 4.88 1.98 4.20
SD SAM B . 5.76 3.01 5.43
CE SAM B . 4.31 3.49 6.31
C5' SAM B . 6.01 4.53 4.45
C4' SAM B . 7.06 4.38 3.34
O4' SAM B . 6.97 5.42 2.37
C3' SAM B . 8.50 4.42 3.83
O3' SAM B . 9.11 3.16 3.52
C2' SAM B . 9.16 5.58 3.10
O2' SAM B . 10.52 5.39 2.75
C1' SAM B . 8.30 5.70 1.88
N9 SAM B . 8.19 7.01 1.24
C8 SAM B . 7.96 8.20 1.86
N7 SAM B . 7.80 9.13 0.88
C5 SAM B . 7.90 8.53 -0.33
C6 SAM B . 7.83 9.00 -1.62
N6 SAM B . 7.63 10.31 -1.86
N1 SAM B . 7.98 8.09 -2.64
C2 SAM B . 8.21 6.75 -2.42
N3 SAM B . 8.30 6.30 -1.12
C4 SAM B . 8.12 7.18 -0.11
C04 EAO C . 3.50 6.06 9.06
C05 EAO C . 3.72 6.41 10.36
C06 EAO C . 3.04 5.80 11.36
C07 EAO C . 3.23 6.15 12.79
C08 EAO C . 4.19 6.80 13.39
C09 EAO C . 5.43 7.32 12.71
C11 EAO C . 5.46 8.74 12.35
C12 EAO C . 4.14 7.01 14.86
C14 EAO C . 2.98 6.51 15.62
C15 EAO C . 2.13 4.82 11.04
C16 EAO C . 1.92 4.46 9.75
C18 EAO C . 2.60 5.10 8.76
N02 EAO C . 4.28 6.75 8.04
O01 EAO C . 5.01 7.78 8.46
O03 EAO C . 4.30 6.48 6.99
O10 EAO C . 6.35 6.63 12.51
O13 EAO C . 5.00 7.55 15.36
O17 EAO C . 1.04 3.51 9.40
O19 EAO C . 2.38 4.75 7.48
MG MG D . 0.60 3.54 7.34
C1 IPA E . 6.55 -4.23 20.43
C2 IPA E . 5.46 -3.23 20.71
C3 IPA E . 4.72 -3.67 21.98
O2 IPA E . 4.60 -3.17 19.61
C1 IPA F . 14.18 -3.39 -5.39
C2 IPA F . 14.98 -4.23 -6.35
C3 IPA F . 15.92 -5.05 -5.49
O2 IPA F . 14.13 -4.99 -7.18
C1 PEG G . 11.27 7.93 10.45
O1 PEG G . 10.68 6.87 9.82
C2 PEG G . 10.72 9.22 9.83
O2 PEG G . 9.34 9.38 9.89
C3 PEG G . 8.94 10.68 9.56
C4 PEG G . 8.11 10.76 8.31
O4 PEG G . 6.76 10.91 8.64
C1 PEG H . -11.67 12.35 10.29
O1 PEG H . -12.42 13.51 10.23
C2 PEG H . -12.41 11.12 10.72
O2 PEG H . -13.29 10.72 9.80
C3 PEG H . -14.42 10.11 10.35
C4 PEG H . -15.61 10.89 9.87
O4 PEG H . -16.03 10.41 8.70
#